data_8C3B
#
_entry.id   8C3B
#
_cell.length_a   100.740
_cell.length_b   32.920
_cell.length_c   72.630
_cell.angle_alpha   90.000
_cell.angle_beta   90.008
_cell.angle_gamma   90.000
#
_symmetry.space_group_name_H-M   'C 1 2 1'
#
loop_
_entity.id
_entity.type
_entity.pdbx_description
1 polymer 'Ribonuclease pancreatic'
2 non-polymer 'SULFATE ION'
3 non-polymer (1,3-dimethylimidazol-1-ium-2-yl)-tris(oxidanyl)ruthenium
4 non-polymer (1,3-dimethylimidazol-1-ium-2-yl)-tetrakis(oxidanyl)ruthenium
5 non-polymer (1,3-dimethyl-2~{H}-imidazol-2-yl)-oxidanyl-oxidanylidene-ruthenium
6 water water
#
_entity_poly.entity_id   1
_entity_poly.type   'polypeptide(L)'
_entity_poly.pdbx_seq_one_letter_code
;KETAAAKFERQHMDSSTSAASSSNYCNQMMKSRNLTKDRCKPVNTFVHESLADVQAVCSQKNVACKNGQTNCYQSYSTMS
ITDCRETGSSKYPNCAYKTTQANKHIIVACEGNPYVPVHFDASV
;
_entity_poly.pdbx_strand_id   AAA,BBB
#
loop_
_chem_comp.id
_chem_comp.type
_chem_comp.name
_chem_comp.formula
R6U non-polymer (1,3-dimethylimidazol-1-ium-2-yl)-tris(oxidanyl)ruthenium 'C5 H11 N2 O3 Ru 1'
SO4 non-polymer 'SULFATE ION' 'O4 S -2'
T9L non-polymer (1,3-dimethylimidazol-1-ium-2-yl)-tetrakis(oxidanyl)ruthenium 'C5 H12 N2 O4 Ru 1'
T9U non-polymer (1,3-dimethyl-2~{H}-imidazol-2-yl)-oxidanyl-oxidanylidene-ruthenium 'C5 H10 N2 O2 Ru'
#
# COMPACT_ATOMS: atom_id res chain seq x y z
N LYS A 1 -14.76 -18.72 15.75
CA LYS A 1 -13.73 -17.88 16.46
C LYS A 1 -13.29 -16.76 15.52
N GLU A 2 -13.35 -15.50 15.99
CA GLU A 2 -13.02 -14.27 15.21
C GLU A 2 -11.63 -14.42 14.57
N THR A 3 -11.52 -14.32 13.24
CA THR A 3 -10.22 -14.29 12.54
C THR A 3 -9.48 -12.99 12.87
N ALA A 4 -8.16 -13.02 12.77
CA ALA A 4 -7.30 -11.83 12.94
C ALA A 4 -7.71 -10.74 11.94
N ALA A 5 -8.01 -11.10 10.71
CA ALA A 5 -8.45 -10.15 9.67
C ALA A 5 -9.76 -9.49 10.12
N ALA A 6 -10.71 -10.30 10.57
CA ALA A 6 -12.02 -9.78 11.03
C ALA A 6 -11.81 -8.88 12.26
N LYS A 7 -11.00 -9.25 13.21
CA LYS A 7 -10.69 -8.46 14.42
C LYS A 7 -10.12 -7.11 14.00
N PHE A 8 -9.20 -7.07 13.03
CA PHE A 8 -8.67 -5.78 12.51
C PHE A 8 -9.82 -4.95 11.97
N GLU A 9 -10.70 -5.52 11.17
CA GLU A 9 -11.87 -4.78 10.64
C GLU A 9 -12.71 -4.22 11.79
N ARG A 10 -12.95 -5.01 12.82
CA ARG A 10 -13.82 -4.54 13.93
C ARG A 10 -13.11 -3.42 14.70
N GLN A 11 -11.82 -3.54 14.93
CA GLN A 11 -11.12 -2.61 15.83
C GLN A 11 -10.72 -1.35 15.06
N HIS A 12 -10.52 -1.42 13.75
CA HIS A 12 -9.78 -0.32 13.04
C HIS A 12 -10.45 0.19 11.79
N MET A 13 -11.48 -0.45 11.25
CA MET A 13 -12.06 0.04 10.01
C MET A 13 -13.33 0.84 10.32
N ASP A 14 -13.49 2.01 9.73
CA ASP A 14 -14.81 2.71 9.75
C ASP A 14 -14.95 3.48 8.44
N SER A 15 -15.26 2.79 7.37
CA SER A 15 -15.39 3.38 6.02
C SER A 15 -16.68 4.24 5.91
N SER A 16 -17.67 4.03 6.79
CA SER A 16 -19.04 4.62 6.73
C SER A 16 -19.05 6.15 6.96
N THR A 17 -17.95 6.75 7.40
CA THR A 17 -17.79 8.22 7.55
C THR A 17 -16.43 8.65 7.02
N SER A 18 -16.35 9.82 6.42
CA SER A 18 -15.13 10.38 5.78
C SER A 18 -14.16 10.91 6.85
N ALA A 19 -14.64 11.25 8.06
CA ALA A 19 -13.89 12.09 9.03
C ALA A 19 -14.40 11.87 10.46
N ALA A 20 -13.72 12.50 11.43
CA ALA A 20 -13.96 12.35 12.89
C ALA A 20 -15.37 11.79 13.06
N SER A 21 -16.34 12.59 12.62
CA SER A 21 -17.82 12.41 12.74
C SER A 21 -18.31 13.44 13.75
N SER A 22 -17.91 13.30 15.01
CA SER A 22 -18.32 14.21 16.13
C SER A 22 -17.40 14.04 17.34
N SER A 23 -17.52 14.96 18.30
CA SER A 23 -16.76 14.91 19.58
C SER A 23 -17.13 13.67 20.39
N ASN A 24 -18.28 13.06 20.04
N ASN A 24 -18.25 12.99 20.14
CA ASN A 24 -18.89 11.86 20.69
CA ASN A 24 -18.58 11.74 20.89
C ASN A 24 -18.29 10.59 20.08
C ASN A 24 -18.45 10.51 20.00
N TYR A 25 -17.83 10.66 18.82
CA TYR A 25 -17.47 9.50 17.95
C TYR A 25 -16.74 8.38 18.71
N CYS A 26 -15.65 8.71 19.39
CA CYS A 26 -14.80 7.68 20.05
C CYS A 26 -15.56 7.04 21.21
N ASN A 27 -16.30 7.84 21.96
CA ASN A 27 -17.13 7.26 23.05
C ASN A 27 -18.09 6.22 22.48
N GLN A 28 -18.81 6.54 21.41
CA GLN A 28 -19.81 5.62 20.81
C GLN A 28 -19.05 4.42 20.20
N MET A 29 -18.02 4.70 19.40
CA MET A 29 -17.39 3.66 18.54
C MET A 29 -16.53 2.69 19.37
N MET A 30 -15.80 3.17 20.39
CA MET A 30 -15.00 2.28 21.26
C MET A 30 -15.95 1.26 21.93
N LYS A 31 -17.16 1.70 22.32
CA LYS A 31 -18.16 0.80 22.98
C LYS A 31 -18.74 -0.19 21.97
N SER A 32 -19.29 0.30 20.85
CA SER A 32 -20.04 -0.48 19.85
C SER A 32 -19.14 -1.53 19.18
N ARG A 33 -17.83 -1.23 19.03
CA ARG A 33 -16.86 -2.19 18.45
C ARG A 33 -16.28 -3.12 19.52
N ASN A 34 -16.81 -3.04 20.75
CA ASN A 34 -16.48 -3.91 21.89
C ASN A 34 -15.03 -3.75 22.31
N LEU A 35 -14.50 -2.51 22.33
CA LEU A 35 -13.13 -2.23 22.82
C LEU A 35 -13.16 -1.75 24.27
N THR A 36 -14.34 -1.72 24.89
CA THR A 36 -14.50 -1.31 26.32
C THR A 36 -15.14 -2.46 27.11
N LYS A 37 -14.93 -3.70 26.65
CA LYS A 37 -15.64 -4.91 27.13
C LYS A 37 -15.01 -5.39 28.45
N ASP A 38 -13.71 -5.71 28.42
CA ASP A 38 -12.92 -6.24 29.57
C ASP A 38 -12.17 -5.13 30.30
N ARG A 39 -12.00 -3.98 29.65
CA ARG A 39 -11.19 -2.85 30.15
C ARG A 39 -11.38 -1.69 29.18
N CYS A 40 -10.96 -0.47 29.53
CA CYS A 40 -10.90 0.65 28.56
C CYS A 40 -9.61 0.45 27.75
N LYS A 41 -9.72 0.06 26.48
CA LYS A 41 -8.54 0.06 25.58
C LYS A 41 -8.00 1.48 25.60
N PRO A 42 -6.75 1.75 26.03
CA PRO A 42 -6.33 3.13 26.21
C PRO A 42 -6.17 3.96 24.93
N VAL A 43 -5.78 3.36 23.81
CA VAL A 43 -5.63 4.08 22.52
C VAL A 43 -6.11 3.18 21.39
N ASN A 44 -6.71 3.76 20.37
CA ASN A 44 -7.21 2.95 19.24
C ASN A 44 -7.45 3.90 18.07
N THR A 45 -7.10 3.51 16.86
CA THR A 45 -7.30 4.32 15.66
C THR A 45 -8.29 3.66 14.70
N PHE A 46 -9.21 4.43 14.17
CA PHE A 46 -10.13 4.02 13.11
C PHE A 46 -9.75 4.66 11.80
N VAL A 47 -9.85 3.89 10.72
CA VAL A 47 -9.45 4.36 9.37
C VAL A 47 -10.74 4.51 8.57
N HIS A 48 -10.86 5.68 7.96
CA HIS A 48 -12.03 6.07 7.12
C HIS A 48 -11.64 6.03 5.66
N GLU A 49 -11.28 4.86 5.22
CA GLU A 49 -11.01 4.60 3.82
C GLU A 49 -11.64 3.26 3.49
N SER A 50 -11.76 2.91 2.23
CA SER A 50 -12.38 1.63 1.84
C SER A 50 -11.56 0.48 2.38
N LEU A 51 -12.16 -0.66 2.58
CA LEU A 51 -11.42 -1.86 2.97
C LEU A 51 -10.37 -2.15 1.89
N ALA A 52 -10.71 -2.08 0.62
CA ALA A 52 -9.74 -2.44 -0.41
C ALA A 52 -8.53 -1.51 -0.31
N ASP A 53 -8.74 -0.24 -0.03
CA ASP A 53 -7.59 0.72 0.03
C ASP A 53 -6.71 0.38 1.25
N VAL A 54 -7.23 -0.08 2.37
CA VAL A 54 -6.42 -0.41 3.56
C VAL A 54 -5.77 -1.77 3.31
N GLN A 55 -6.45 -2.73 2.68
CA GLN A 55 -5.82 -4.02 2.36
C GLN A 55 -4.63 -3.80 1.41
N ALA A 56 -4.74 -2.85 0.51
CA ALA A 56 -3.68 -2.55 -0.47
C ALA A 56 -2.39 -2.07 0.23
N VAL A 57 -2.47 -1.61 1.46
CA VAL A 57 -1.26 -1.13 2.16
C VAL A 57 -0.30 -2.29 2.36
N CYS A 58 -0.78 -3.50 2.42
CA CYS A 58 0.08 -4.69 2.60
C CYS A 58 1.05 -4.90 1.42
N SER A 59 0.87 -4.14 0.34
N SER A 59 0.90 -4.19 0.31
CA SER A 59 1.67 -4.17 -0.92
CA SER A 59 1.88 -4.28 -0.81
C SER A 59 2.46 -2.87 -1.09
C SER A 59 2.57 -2.93 -1.03
N GLN A 60 2.49 -2.01 -0.06
CA GLN A 60 3.11 -0.67 -0.13
C GLN A 60 4.44 -0.67 0.62
N LYS A 61 4.79 0.40 1.35
CA LYS A 61 6.18 0.60 1.77
C LYS A 61 6.48 -0.30 2.97
N ASN A 62 7.39 -1.25 2.84
CA ASN A 62 7.75 -2.15 3.95
C ASN A 62 8.61 -1.37 4.94
N VAL A 63 8.22 -1.36 6.20
CA VAL A 63 8.91 -0.70 7.31
C VAL A 63 8.97 -1.61 8.51
N ALA A 64 9.92 -1.39 9.40
CA ALA A 64 10.00 -2.16 10.64
C ALA A 64 8.75 -1.84 11.47
N CYS A 65 8.20 -2.85 12.10
CA CYS A 65 7.16 -2.72 13.12
C CYS A 65 7.79 -2.26 14.44
N LYS A 66 7.00 -1.62 15.24
CA LYS A 66 7.46 -1.17 16.58
C LYS A 66 8.03 -2.36 17.36
N ASN A 67 7.48 -3.55 17.21
CA ASN A 67 7.96 -4.72 18.01
C ASN A 67 9.19 -5.36 17.36
N GLY A 68 9.73 -4.83 16.28
CA GLY A 68 10.93 -5.34 15.65
C GLY A 68 10.69 -6.37 14.55
N GLN A 69 9.44 -6.82 14.40
N GLN A 69 9.45 -6.82 14.40
CA GLN A 69 9.01 -7.69 13.29
CA GLN A 69 9.11 -7.69 13.24
C GLN A 69 9.07 -6.90 11.97
C GLN A 69 9.24 -6.90 11.95
N THR A 70 9.22 -7.59 10.83
CA THR A 70 9.49 -6.99 9.52
C THR A 70 8.22 -6.87 8.67
N ASN A 71 7.07 -7.28 9.17
CA ASN A 71 5.89 -7.36 8.30
C ASN A 71 4.94 -6.17 8.46
N CYS A 72 5.49 -4.96 8.58
CA CYS A 72 4.68 -3.73 8.63
C CYS A 72 4.84 -2.93 7.34
N TYR A 73 3.82 -2.20 7.03
CA TYR A 73 3.71 -1.50 5.74
C TYR A 73 3.08 -0.17 5.97
N GLN A 74 3.68 0.86 5.34
CA GLN A 74 3.28 2.27 5.42
C GLN A 74 2.57 2.65 4.14
N SER A 75 1.40 3.27 4.28
CA SER A 75 0.65 3.73 3.09
C SER A 75 1.40 4.84 2.36
N TYR A 76 1.45 4.79 1.04
CA TYR A 76 2.09 5.85 0.24
C TYR A 76 1.28 7.13 0.32
N SER A 77 -0.04 7.00 0.31
N SER A 77 -0.04 6.98 0.36
CA SER A 77 -0.95 8.16 0.41
CA SER A 77 -0.97 8.13 0.43
C SER A 77 -1.32 8.38 1.88
C SER A 77 -1.35 8.37 1.88
N THR A 78 -1.78 9.58 2.21
CA THR A 78 -2.37 9.84 3.53
C THR A 78 -3.80 9.28 3.46
N MET A 79 -4.27 8.96 4.67
CA MET A 79 -5.61 8.42 4.90
C MET A 79 -6.28 9.20 6.00
N SER A 80 -7.60 9.31 5.87
CA SER A 80 -8.47 9.89 6.92
C SER A 80 -8.54 8.94 8.10
N ILE A 81 -8.13 9.38 9.27
CA ILE A 81 -8.16 8.50 10.47
C ILE A 81 -8.78 9.25 11.63
N THR A 82 -9.28 8.50 12.60
CA THR A 82 -9.64 9.07 13.90
C THR A 82 -8.87 8.39 15.02
N ASP A 83 -8.11 9.13 15.80
CA ASP A 83 -7.43 8.60 17.00
C ASP A 83 -8.37 8.74 18.20
N CYS A 84 -8.54 7.66 18.96
CA CYS A 84 -9.27 7.66 20.24
C CYS A 84 -8.27 7.46 21.39
N ARG A 85 -8.24 8.38 22.36
CA ARG A 85 -7.28 8.33 23.49
C ARG A 85 -8.10 8.45 24.78
N GLU A 86 -7.97 7.46 25.67
CA GLU A 86 -8.67 7.45 26.98
C GLU A 86 -8.31 8.74 27.74
N THR A 87 -9.31 9.39 28.35
CA THR A 87 -9.14 10.58 29.25
C THR A 87 -8.71 10.11 30.64
N GLY A 88 -8.23 11.03 31.49
CA GLY A 88 -7.90 10.75 32.91
C GLY A 88 -9.16 10.44 33.72
N SER A 89 -10.20 11.24 33.52
CA SER A 89 -11.55 11.09 34.13
C SER A 89 -12.18 9.73 33.81
N SER A 90 -11.80 9.10 32.69
CA SER A 90 -12.31 7.78 32.23
C SER A 90 -12.07 6.71 33.30
N LYS A 91 -13.14 6.11 33.80
CA LYS A 91 -13.10 4.96 34.75
C LYS A 91 -14.01 3.84 34.23
N TYR A 92 -13.42 2.68 33.94
CA TYR A 92 -14.13 1.43 33.56
C TYR A 92 -15.20 1.18 34.61
N PRO A 93 -16.46 0.86 34.25
CA PRO A 93 -16.86 0.56 32.88
C PRO A 93 -17.34 1.75 32.02
N ASN A 94 -17.24 2.99 32.53
CA ASN A 94 -17.63 4.24 31.83
C ASN A 94 -16.41 4.82 31.13
N CYS A 95 -15.98 4.19 30.03
CA CYS A 95 -14.76 4.57 29.29
C CYS A 95 -15.05 5.86 28.51
N ALA A 96 -14.17 6.84 28.65
CA ALA A 96 -14.28 8.16 28.02
C ALA A 96 -13.03 8.39 27.17
N TYR A 97 -13.23 9.01 26.02
CA TYR A 97 -12.20 9.19 24.98
C TYR A 97 -12.25 10.60 24.38
N LYS A 98 -11.06 11.13 24.09
CA LYS A 98 -10.94 12.29 23.19
C LYS A 98 -10.91 11.79 21.74
N THR A 99 -11.77 12.36 20.89
CA THR A 99 -11.82 12.10 19.41
C THR A 99 -10.96 13.10 18.67
N THR A 100 -9.95 12.65 17.90
CA THR A 100 -9.09 13.51 17.06
C THR A 100 -9.09 12.98 15.64
N GLN A 101 -9.45 13.84 14.71
CA GLN A 101 -9.34 13.57 13.27
C GLN A 101 -7.94 13.98 12.78
N ALA A 102 -7.39 13.17 11.88
CA ALA A 102 -6.13 13.47 11.19
C ALA A 102 -6.16 12.88 9.78
N ASN A 103 -5.27 13.38 8.94
CA ASN A 103 -4.92 12.80 7.63
C ASN A 103 -3.45 12.43 7.68
N LYS A 104 -3.18 11.12 7.78
CA LYS A 104 -1.82 10.66 8.04
C LYS A 104 -1.59 9.37 7.28
N HIS A 105 -0.33 9.01 7.08
CA HIS A 105 0.03 7.69 6.56
C HIS A 105 -0.23 6.68 7.67
N ILE A 106 -0.82 5.55 7.34
CA ILE A 106 -0.95 4.46 8.33
C ILE A 106 0.19 3.45 8.16
N ILE A 107 0.47 2.78 9.27
CA ILE A 107 1.37 1.62 9.26
C ILE A 107 0.60 0.44 9.86
N VAL A 108 0.47 -0.63 9.07
CA VAL A 108 -0.24 -1.84 9.51
C VAL A 108 0.69 -3.04 9.38
N ALA A 109 0.47 -4.02 10.26
CA ALA A 109 1.11 -5.35 10.17
C ALA A 109 0.23 -6.29 9.35
N CYS A 110 0.83 -7.01 8.42
CA CYS A 110 0.08 -7.91 7.53
C CYS A 110 0.55 -9.35 7.73
N GLU A 111 -0.38 -10.29 7.57
N GLU A 111 -0.40 -10.30 7.72
CA GLU A 111 -0.09 -11.73 7.71
CA GLU A 111 -0.13 -11.76 7.85
C GLU A 111 -1.07 -12.48 6.83
C GLU A 111 -1.11 -12.53 6.97
N GLY A 112 -0.75 -13.76 6.62
CA GLY A 112 -1.68 -14.75 6.04
C GLY A 112 -1.58 -14.87 4.57
N ASN A 113 -2.35 -15.86 4.10
CA ASN A 113 -2.69 -16.04 2.67
C ASN A 113 -4.21 -16.14 2.60
N PRO A 114 -4.95 -15.09 2.16
CA PRO A 114 -4.39 -13.87 1.59
C PRO A 114 -3.66 -12.97 2.62
N TYR A 115 -2.73 -12.18 2.12
CA TYR A 115 -1.92 -11.27 2.96
C TYR A 115 -2.72 -10.01 3.25
N VAL A 116 -3.11 -9.86 4.52
CA VAL A 116 -4.10 -8.81 4.89
C VAL A 116 -3.68 -8.16 6.19
N PRO A 117 -4.24 -6.98 6.49
CA PRO A 117 -3.89 -6.34 7.73
C PRO A 117 -4.40 -7.10 8.94
N VAL A 118 -3.62 -7.20 9.98
CA VAL A 118 -4.01 -7.88 11.23
C VAL A 118 -3.72 -6.99 12.43
N HIS A 119 -2.91 -5.94 12.33
CA HIS A 119 -2.65 -5.03 13.47
C HIS A 119 -2.41 -3.64 12.94
N PHE A 120 -2.83 -2.68 13.74
CA PHE A 120 -2.57 -1.25 13.46
C PHE A 120 -1.35 -0.83 14.24
N ASP A 121 -0.24 -0.54 13.60
CA ASP A 121 1.01 -0.24 14.29
C ASP A 121 1.17 1.22 14.67
N ALA A 122 0.88 2.12 13.79
CA ALA A 122 1.21 3.55 13.97
C ALA A 122 0.58 4.37 12.86
N SER A 123 0.55 5.69 13.06
CA SER A 123 0.31 6.63 11.96
C SER A 123 1.46 7.63 11.96
N VAL A 124 1.80 8.13 10.78
CA VAL A 124 2.89 9.14 10.67
C VAL A 124 2.47 10.20 9.66
N LYS B 1 14.80 11.35 1.91
CA LYS B 1 14.69 11.37 0.41
C LYS B 1 14.55 9.95 -0.13
N GLU B 2 13.48 9.67 -0.87
CA GLU B 2 13.19 8.30 -1.38
C GLU B 2 14.37 7.71 -2.16
N THR B 3 14.75 6.48 -1.82
CA THR B 3 15.85 5.81 -2.54
C THR B 3 15.34 5.35 -3.93
N ALA B 4 16.21 5.11 -4.89
CA ALA B 4 15.79 4.60 -6.20
C ALA B 4 15.12 3.23 -6.01
N ALA B 5 15.63 2.39 -5.10
CA ALA B 5 15.06 1.05 -4.89
C ALA B 5 13.63 1.22 -4.38
N ALA B 6 13.41 2.13 -3.45
CA ALA B 6 12.09 2.38 -2.87
C ALA B 6 11.15 2.97 -3.91
N LYS B 7 11.65 3.83 -4.75
CA LYS B 7 10.82 4.41 -5.82
C LYS B 7 10.41 3.32 -6.80
N PHE B 8 11.31 2.39 -7.13
CA PHE B 8 10.93 1.22 -7.98
C PHE B 8 9.82 0.43 -7.31
N GLU B 9 9.91 0.17 -6.03
CA GLU B 9 8.84 -0.63 -5.39
C GLU B 9 7.52 0.14 -5.40
N ARG B 10 7.54 1.42 -5.20
CA ARG B 10 6.31 2.22 -5.15
C ARG B 10 5.70 2.29 -6.56
N GLN B 11 6.53 2.50 -7.58
CA GLN B 11 5.97 2.73 -8.92
C GLN B 11 5.64 1.41 -9.57
N HIS B 12 6.32 0.31 -9.26
CA HIS B 12 6.25 -0.89 -10.12
C HIS B 12 5.89 -2.18 -9.40
N MET B 13 5.87 -2.28 -8.06
CA MET B 13 5.59 -3.55 -7.40
C MET B 13 4.16 -3.54 -6.84
N ASP B 14 3.43 -4.59 -7.20
CA ASP B 14 2.09 -4.83 -6.59
C ASP B 14 2.01 -6.33 -6.45
N SER B 15 2.65 -6.83 -5.41
CA SER B 15 2.74 -8.28 -5.14
C SER B 15 1.35 -8.84 -4.72
N SER B 16 0.41 -7.98 -4.31
CA SER B 16 -0.98 -8.34 -3.83
C SER B 16 -1.53 -9.61 -4.50
N THR B 17 -1.96 -9.52 -5.76
CA THR B 17 -2.70 -10.59 -6.50
C THR B 17 -1.73 -11.27 -7.46
N SER B 18 -2.24 -11.94 -8.51
CA SER B 18 -1.43 -12.47 -9.63
C SER B 18 -1.97 -11.94 -10.98
N ALA B 19 -2.73 -10.84 -10.92
CA ALA B 19 -3.30 -10.07 -12.06
C ALA B 19 -3.90 -8.77 -11.52
N ALA B 20 -4.98 -8.25 -12.12
CA ALA B 20 -5.75 -7.09 -11.60
C ALA B 20 -7.25 -7.31 -11.86
N SER B 21 -8.05 -7.25 -10.80
CA SER B 21 -9.46 -7.73 -10.75
C SER B 21 -10.35 -6.95 -11.74
N SER B 22 -10.20 -5.62 -11.84
CA SER B 22 -11.15 -4.73 -12.56
C SER B 22 -10.45 -3.87 -13.63
N SER B 23 -11.24 -3.33 -14.56
CA SER B 23 -10.83 -2.34 -15.59
C SER B 23 -10.44 -1.03 -14.92
N ASN B 24 -10.74 -0.88 -13.63
CA ASN B 24 -10.47 0.37 -12.89
C ASN B 24 -9.16 0.25 -12.10
N TYR B 25 -8.50 -0.91 -12.12
CA TYR B 25 -7.20 -1.12 -11.40
C TYR B 25 -6.23 0.04 -11.65
N CYS B 26 -5.93 0.38 -12.90
CA CYS B 26 -4.94 1.43 -13.17
C CYS B 26 -5.39 2.80 -12.66
N ASN B 27 -6.67 3.16 -12.75
CA ASN B 27 -7.12 4.48 -12.23
C ASN B 27 -6.82 4.60 -10.73
N GLN B 28 -7.09 3.53 -10.00
CA GLN B 28 -6.95 3.36 -8.54
C GLN B 28 -5.45 3.32 -8.17
N MET B 29 -4.69 2.50 -8.90
N MET B 29 -4.64 2.50 -8.84
CA MET B 29 -3.27 2.18 -8.59
CA MET B 29 -3.23 2.29 -8.41
C MET B 29 -2.39 3.40 -8.88
C MET B 29 -2.36 3.48 -8.85
N MET B 30 -2.60 4.04 -10.03
CA MET B 30 -1.84 5.24 -10.45
C MET B 30 -2.06 6.36 -9.41
N LYS B 31 -3.27 6.42 -8.84
CA LYS B 31 -3.62 7.26 -7.64
C LYS B 31 -2.87 6.79 -6.37
N SER B 32 -3.11 5.58 -5.91
CA SER B 32 -2.61 5.03 -4.62
C SER B 32 -1.07 5.12 -4.55
N ARG B 33 -0.39 5.06 -5.71
CA ARG B 33 1.11 5.08 -5.73
C ARG B 33 1.66 6.49 -6.03
N ASN B 34 0.84 7.54 -6.00
CA ASN B 34 1.25 8.96 -6.09
C ASN B 34 1.76 9.26 -7.49
N LEU B 35 1.21 8.60 -8.52
CA LEU B 35 1.62 8.82 -9.94
C LEU B 35 0.65 9.74 -10.68
N THR B 36 -0.27 10.41 -10.00
CA THR B 36 -1.18 11.41 -10.63
C THR B 36 -1.19 12.75 -9.90
N LYS B 37 -0.12 13.10 -9.16
CA LYS B 37 -0.14 14.24 -8.20
C LYS B 37 -0.10 15.58 -8.94
N ASP B 38 0.97 15.81 -9.70
CA ASP B 38 1.22 17.08 -10.44
C ASP B 38 0.62 16.93 -11.83
N ARG B 39 0.83 15.76 -12.43
CA ARG B 39 0.41 15.42 -13.82
C ARG B 39 0.07 13.92 -13.84
N CYS B 40 -0.63 13.48 -14.87
CA CYS B 40 -0.89 12.04 -15.10
C CYS B 40 0.40 11.41 -15.65
N LYS B 41 1.01 10.48 -14.92
CA LYS B 41 2.15 9.74 -15.52
C LYS B 41 1.56 8.95 -16.68
N PRO B 42 2.05 9.10 -17.94
CA PRO B 42 1.30 8.53 -19.06
C PRO B 42 1.31 6.99 -19.11
N VAL B 43 2.44 6.38 -18.77
CA VAL B 43 2.63 4.91 -18.99
C VAL B 43 3.31 4.33 -17.76
N ASN B 44 2.84 3.21 -17.28
CA ASN B 44 3.50 2.63 -16.09
C ASN B 44 3.12 1.18 -15.98
N THR B 45 4.05 0.33 -15.66
CA THR B 45 3.83 -1.09 -15.47
C THR B 45 3.89 -1.51 -14.01
N PHE B 46 2.98 -2.37 -13.57
CA PHE B 46 3.01 -2.98 -12.23
C PHE B 46 3.31 -4.46 -12.38
N VAL B 47 4.15 -4.99 -11.50
CA VAL B 47 4.58 -6.40 -11.50
C VAL B 47 3.94 -7.12 -10.31
N HIS B 48 3.26 -8.22 -10.62
CA HIS B 48 2.48 -9.04 -9.65
C HIS B 48 3.22 -10.35 -9.43
N GLU B 49 4.46 -10.23 -9.01
CA GLU B 49 5.28 -11.34 -8.53
C GLU B 49 5.83 -10.90 -7.18
N SER B 50 6.33 -11.83 -6.39
CA SER B 50 6.92 -11.49 -5.08
C SER B 50 8.09 -10.54 -5.29
N LEU B 51 8.35 -9.70 -4.31
CA LEU B 51 9.55 -8.85 -4.31
C LEU B 51 10.80 -9.73 -4.47
N ALA B 52 10.88 -10.90 -3.83
CA ALA B 52 12.08 -11.76 -3.96
C ALA B 52 12.30 -12.20 -5.42
N ASP B 53 11.23 -12.58 -6.08
CA ASP B 53 11.32 -13.04 -7.49
C ASP B 53 11.78 -11.89 -8.41
N VAL B 54 11.30 -10.69 -8.14
CA VAL B 54 11.72 -9.54 -9.00
C VAL B 54 13.16 -9.15 -8.69
N GLN B 55 13.55 -9.19 -7.41
CA GLN B 55 14.94 -8.85 -7.07
C GLN B 55 15.89 -9.87 -7.70
N ALA B 56 15.46 -11.15 -7.83
CA ALA B 56 16.32 -12.21 -8.42
C ALA B 56 16.59 -11.97 -9.91
N VAL B 57 15.84 -11.05 -10.52
CA VAL B 57 16.13 -10.74 -11.95
C VAL B 57 17.52 -10.12 -12.12
N CYS B 58 17.99 -9.48 -11.04
CA CYS B 58 19.34 -8.86 -11.07
C CYS B 58 20.46 -9.88 -11.19
N SER B 59 20.15 -11.19 -11.06
N SER B 59 20.14 -11.18 -11.06
CA SER B 59 21.14 -12.30 -11.25
CA SER B 59 21.14 -12.27 -11.29
C SER B 59 20.86 -13.09 -12.53
C SER B 59 20.69 -13.15 -12.44
N GLN B 60 19.98 -12.58 -13.42
CA GLN B 60 19.48 -13.34 -14.59
C GLN B 60 20.17 -12.76 -15.81
N LYS B 61 19.45 -12.52 -16.90
CA LYS B 61 20.12 -12.28 -18.19
C LYS B 61 20.56 -10.81 -18.32
N ASN B 62 21.83 -10.55 -18.36
CA ASN B 62 22.37 -9.18 -18.53
C ASN B 62 22.14 -8.73 -19.96
N VAL B 63 21.58 -7.54 -20.08
CA VAL B 63 21.30 -6.89 -21.40
C VAL B 63 21.61 -5.40 -21.24
N ALA B 64 21.83 -4.70 -22.36
CA ALA B 64 21.92 -3.23 -22.31
C ALA B 64 20.58 -2.61 -21.94
N CYS B 65 20.64 -1.48 -21.25
CA CYS B 65 19.48 -0.63 -20.95
C CYS B 65 19.18 0.25 -22.16
N LYS B 66 17.95 0.73 -22.24
N LYS B 66 17.96 0.79 -22.22
CA LYS B 66 17.53 1.73 -23.26
CA LYS B 66 17.53 1.72 -23.29
C LYS B 66 18.56 2.85 -23.32
C LYS B 66 18.44 2.95 -23.31
N ASN B 67 18.98 3.36 -22.15
CA ASN B 67 19.86 4.56 -22.06
C ASN B 67 21.31 4.23 -22.45
N GLY B 68 21.65 2.97 -22.71
CA GLY B 68 23.00 2.52 -23.12
C GLY B 68 23.90 2.06 -21.99
N GLN B 69 23.45 2.21 -20.73
N GLN B 69 23.46 2.20 -20.73
CA GLN B 69 24.10 1.58 -19.55
CA GLN B 69 24.17 1.58 -19.59
C GLN B 69 24.05 0.05 -19.71
C GLN B 69 24.06 0.06 -19.70
N THR B 70 24.92 -0.67 -18.99
CA THR B 70 25.08 -2.14 -19.13
C THR B 70 24.49 -2.88 -17.93
N ASN B 71 23.86 -2.23 -16.99
CA ASN B 71 23.39 -2.86 -15.74
C ASN B 71 21.91 -3.22 -15.81
N CYS B 72 21.41 -3.60 -16.98
CA CYS B 72 20.03 -4.09 -17.12
C CYS B 72 20.01 -5.62 -17.19
N TYR B 73 18.88 -6.16 -16.78
CA TYR B 73 18.69 -7.61 -16.62
C TYR B 73 17.27 -7.93 -17.07
N GLN B 74 17.19 -8.96 -17.91
CA GLN B 74 15.93 -9.55 -18.36
C GLN B 74 15.58 -10.78 -17.52
N SER B 75 14.36 -10.86 -17.06
CA SER B 75 13.89 -12.05 -16.32
C SER B 75 13.96 -13.25 -17.25
N TYR B 76 14.47 -14.38 -16.78
CA TYR B 76 14.44 -15.62 -17.57
C TYR B 76 13.00 -16.10 -17.80
N SER B 77 12.14 -15.97 -16.83
CA SER B 77 10.73 -16.43 -16.86
C SER B 77 9.84 -15.25 -17.24
N THR B 78 8.68 -15.53 -17.78
CA THR B 78 7.61 -14.52 -17.81
C THR B 78 7.05 -14.27 -16.42
N MET B 79 6.53 -13.08 -16.22
CA MET B 79 5.91 -12.62 -14.98
C MET B 79 4.54 -12.01 -15.27
N SER B 80 3.66 -12.12 -14.31
CA SER B 80 2.36 -11.44 -14.28
C SER B 80 2.59 -9.94 -14.13
N ILE B 81 2.12 -9.18 -15.09
CA ILE B 81 2.21 -7.69 -15.05
C ILE B 81 0.86 -7.07 -15.37
N THR B 82 0.74 -5.78 -15.10
CA THR B 82 -0.35 -4.91 -15.60
C THR B 82 0.27 -3.70 -16.26
N ASP B 83 -0.10 -3.45 -17.51
CA ASP B 83 0.28 -2.22 -18.24
C ASP B 83 -0.81 -1.19 -18.03
N CYS B 84 -0.44 -0.02 -17.57
CA CYS B 84 -1.34 1.15 -17.42
C CYS B 84 -0.93 2.19 -18.45
N ARG B 85 -1.83 2.59 -19.32
CA ARG B 85 -1.54 3.66 -20.28
C ARG B 85 -2.70 4.64 -20.24
N GLU B 86 -2.34 5.88 -20.15
CA GLU B 86 -3.33 6.96 -20.13
C GLU B 86 -4.15 6.92 -21.43
N THR B 87 -5.46 7.21 -21.31
CA THR B 87 -6.35 7.30 -22.49
C THR B 87 -6.00 8.55 -23.29
N GLY B 88 -6.43 8.59 -24.55
CA GLY B 88 -6.24 9.74 -25.45
C GLY B 88 -6.98 10.97 -24.93
N SER B 89 -8.05 10.78 -24.17
CA SER B 89 -8.95 11.87 -23.70
C SER B 89 -8.66 12.26 -22.25
N SER B 90 -7.69 11.60 -21.59
CA SER B 90 -7.33 11.83 -20.16
C SER B 90 -6.81 13.25 -19.96
N LYS B 91 -7.36 13.96 -18.97
CA LYS B 91 -7.00 15.37 -18.65
C LYS B 91 -6.79 15.47 -17.15
N TYR B 92 -5.58 15.78 -16.71
CA TYR B 92 -5.27 16.10 -15.30
C TYR B 92 -6.28 17.15 -14.85
N PRO B 93 -6.89 17.07 -13.64
CA PRO B 93 -6.54 16.08 -12.63
C PRO B 93 -7.33 14.75 -12.61
N ASN B 94 -8.17 14.48 -13.61
N ASN B 94 -8.30 14.59 -13.51
CA ASN B 94 -9.04 13.28 -13.65
CA ASN B 94 -9.02 13.31 -13.73
C ASN B 94 -8.35 12.20 -14.51
C ASN B 94 -8.16 12.47 -14.67
N CYS B 95 -7.13 11.83 -14.12
CA CYS B 95 -6.22 10.93 -14.86
C CYS B 95 -6.92 9.61 -15.12
N ALA B 96 -7.03 9.22 -16.39
CA ALA B 96 -7.79 8.05 -16.82
C ALA B 96 -6.85 7.14 -17.64
N TYR B 97 -6.96 5.86 -17.35
CA TYR B 97 -6.01 4.81 -17.79
C TYR B 97 -6.78 3.62 -18.31
N LYS B 98 -6.26 3.01 -19.38
N LYS B 98 -6.23 3.01 -19.36
CA LYS B 98 -6.65 1.64 -19.76
CA LYS B 98 -6.61 1.64 -19.77
C LYS B 98 -5.73 0.67 -19.02
C LYS B 98 -5.72 0.65 -19.04
N THR B 99 -6.33 -0.35 -18.42
CA THR B 99 -5.66 -1.46 -17.74
C THR B 99 -5.52 -2.61 -18.72
N THR B 100 -4.31 -3.15 -18.91
CA THR B 100 -4.11 -4.39 -19.68
C THR B 100 -3.26 -5.37 -18.86
N GLN B 101 -3.70 -6.59 -18.70
CA GLN B 101 -2.95 -7.69 -18.07
C GLN B 101 -2.06 -8.36 -19.12
N ALA B 102 -0.90 -8.86 -18.70
CA ALA B 102 -0.02 -9.66 -19.58
C ALA B 102 0.90 -10.53 -18.74
N ASN B 103 1.50 -11.49 -19.41
CA ASN B 103 2.52 -12.41 -18.85
C ASN B 103 3.76 -12.24 -19.72
N LYS B 104 4.75 -11.48 -19.26
CA LYS B 104 5.88 -11.10 -20.15
C LYS B 104 7.17 -11.11 -19.33
N HIS B 105 8.29 -11.24 -20.03
CA HIS B 105 9.59 -10.99 -19.37
C HIS B 105 9.67 -9.52 -19.01
N ILE B 106 10.33 -9.20 -17.92
CA ILE B 106 10.61 -7.78 -17.53
C ILE B 106 12.10 -7.54 -17.67
N ILE B 107 12.45 -6.29 -17.98
CA ILE B 107 13.83 -5.82 -18.05
C ILE B 107 13.95 -4.67 -17.08
N VAL B 108 14.90 -4.76 -16.13
CA VAL B 108 15.11 -3.78 -15.04
C VAL B 108 16.58 -3.42 -14.98
N ALA B 109 16.85 -2.19 -14.56
CA ALA B 109 18.22 -1.77 -14.20
C ALA B 109 18.44 -2.11 -12.75
N CYS B 110 19.63 -2.62 -12.46
CA CYS B 110 19.95 -3.00 -11.06
C CYS B 110 21.13 -2.20 -10.54
N GLU B 111 21.11 -1.93 -9.25
N GLU B 111 21.09 -1.78 -9.29
CA GLU B 111 22.19 -1.09 -8.67
CA GLU B 111 22.21 -0.99 -8.72
C GLU B 111 22.19 -1.26 -7.16
C GLU B 111 22.16 -1.10 -7.22
N GLY B 112 23.34 -0.94 -6.58
CA GLY B 112 23.45 -0.75 -5.14
C GLY B 112 23.71 -2.00 -4.40
N ASN B 113 23.80 -1.83 -3.09
CA ASN B 113 24.00 -2.94 -2.15
C ASN B 113 22.92 -2.82 -1.08
N PRO B 114 21.94 -3.75 -1.04
CA PRO B 114 21.84 -4.92 -1.94
C PRO B 114 21.55 -4.54 -3.41
N TYR B 115 21.92 -5.45 -4.31
CA TYR B 115 21.87 -5.18 -5.77
C TYR B 115 20.47 -5.50 -6.27
N VAL B 116 19.67 -4.46 -6.43
CA VAL B 116 18.21 -4.61 -6.58
C VAL B 116 17.74 -3.74 -7.71
N PRO B 117 16.52 -3.97 -8.25
CA PRO B 117 16.01 -3.11 -9.30
C PRO B 117 15.81 -1.68 -8.87
N VAL B 118 16.25 -0.77 -9.73
CA VAL B 118 16.12 0.69 -9.50
C VAL B 118 15.41 1.37 -10.67
N HIS B 119 15.10 0.68 -11.76
CA HIS B 119 14.39 1.26 -12.90
C HIS B 119 13.73 0.17 -13.69
N PHE B 120 12.53 0.45 -14.19
CA PHE B 120 11.84 -0.48 -15.07
C PHE B 120 12.11 -0.06 -16.49
N ASP B 121 12.74 -0.93 -17.29
N ASP B 121 12.76 -0.90 -17.28
CA ASP B 121 13.22 -0.61 -18.66
CA ASP B 121 13.08 -0.55 -18.68
C ASP B 121 12.20 -1.01 -19.73
C ASP B 121 11.88 -0.91 -19.57
N ALA B 122 11.56 -2.19 -19.64
CA ALA B 122 10.58 -2.66 -20.64
C ALA B 122 10.04 -4.03 -20.27
N SER B 123 8.94 -4.41 -20.88
CA SER B 123 8.49 -5.83 -20.86
C SER B 123 8.61 -6.37 -22.26
N VAL B 124 8.96 -7.65 -22.42
CA VAL B 124 9.13 -8.29 -23.75
C VAL B 124 8.49 -9.67 -23.72
S SO4 C . -4.25 -4.23 17.21
O1 SO4 C . -3.32 -4.43 18.29
O2 SO4 C . -4.46 -5.54 16.54
O3 SO4 C . -5.50 -3.72 17.74
O4 SO4 C . -3.74 -3.30 16.29
RU R6U D . 3.06 12.62 3.85
O1 R6U D . 2.21 12.74 1.86
O2 R6U D . 4.05 11.94 3.52
O3 R6U D . 4.10 14.18 3.52
C33 R6U D . 3.52 14.30 7.29
N4 R6U D . 4.17 13.26 6.84
C29 R6U D . 3.99 12.55 5.72
C32 R6U D . 5.12 12.73 7.61
C31 R6U D . 5.62 11.70 6.97
N3 R6U D . 4.97 11.56 5.76
C30 R6U D . 5.39 10.54 5.00
O3 T9L E . 12.54 6.96 -16.91
O4 T9L E . 10.01 6.19 -17.85
RU T9L E . 11.70 5.42 -16.63
O1 T9L E . 10.68 3.59 -16.17
O2 T9L E . 10.90 6.36 -14.77
C33 T9L E . 14.66 5.55 -18.15
N4 T9L E . 13.72 4.86 -18.76
C29 T9L E . 12.51 4.51 -18.33
C32 T9L E . 13.88 4.38 -20.00
C31 T9L E . 12.75 3.75 -20.27
N3 T9L E . 11.82 3.82 -19.26
C30 T9L E . 10.61 3.25 -19.30
C29 T9U F . 11.19 -14.63 -24.90
C30 T9U F . 13.37 -13.95 -23.94
C31 T9U F . 11.75 -12.57 -25.05
C32 T9U F . 10.57 -12.69 -25.62
C33 T9U F . 9.04 -14.29 -26.05
O1 T9U F . 9.19 -17.15 -22.29
O2 T9U F . 8.53 -15.10 -24.04
RU T9U F . 10.16 -15.88 -23.58
N4 T9U F . 10.21 -13.97 -25.54
N3 T9U F . 12.20 -13.78 -24.58
#